data_2OY2
#
_entry.id   2OY2
#
_cell.length_a   33.207
_cell.length_b   68.533
_cell.length_c   78.281
_cell.angle_alpha   90.00
_cell.angle_beta   98.10
_cell.angle_gamma   90.00
#
_symmetry.space_group_name_H-M   'P 1 21 1'
#
loop_
_entity.id
_entity.type
_entity.pdbx_description
1 polymer 'Neutrophil collagenase'
2 polymer 'ILE-ALA-GLY peptide'
3 non-polymer 'CALCIUM ION'
4 non-polymer 'ZINC ION'
5 water water
#
loop_
_entity_poly.entity_id
_entity_poly.type
_entity_poly.pdbx_seq_one_letter_code
_entity_poly.pdbx_strand_id
1 'polypeptide(L)'
;NPKWERTNLTYRIRNYTPQLSEAEVERAIKDAFELWSVASPLIFTRISQGEADINIAFYQRDHGDNSPFDGPNGILAHAF
QPGQGIGGDAHFDAEETWTNTSANYNLFLVAAHEFGHSLGLAHSSDPGALMYPNYAFRETSNYSLPQDDIDGIQAIYG
;
A,F
2 'polypeptide(L)' IAG W,Y
#
loop_
_chem_comp.id
_chem_comp.type
_chem_comp.name
_chem_comp.formula
CA non-polymer 'CALCIUM ION' 'Ca 2'
ZN non-polymer 'ZINC ION' 'Zn 2'
#
# COMPACT_ATOMS: atom_id res chain seq x y z
N PRO A 2 38.86 5.37 4.10
CA PRO A 2 37.81 5.46 5.12
C PRO A 2 37.24 4.08 5.50
N LYS A 3 37.09 3.83 6.79
CA LYS A 3 36.51 2.58 7.28
C LYS A 3 35.93 2.77 8.67
N TRP A 4 34.89 1.99 8.97
CA TRP A 4 34.25 2.06 10.27
C TRP A 4 35.14 1.42 11.32
N GLU A 5 35.16 2.03 12.51
CA GLU A 5 35.96 1.49 13.61
C GLU A 5 35.14 0.67 14.62
N ARG A 6 33.83 0.61 14.41
CA ARG A 6 32.94 -0.28 15.17
C ARG A 6 32.48 -1.39 14.24
N THR A 7 32.27 -2.59 14.78
CA THR A 7 31.73 -3.70 14.00
C THR A 7 30.21 -3.72 13.94
N ASN A 8 29.54 -3.28 15.00
CA ASN A 8 28.07 -3.26 15.04
C ASN A 8 27.56 -1.87 14.64
N LEU A 9 27.04 -1.78 13.43
CA LEU A 9 26.57 -0.53 12.85
C LEU A 9 25.05 -0.54 12.79
N THR A 10 24.43 0.60 13.05
CA THR A 10 22.98 0.70 12.95
C THR A 10 22.57 1.34 11.64
N TYR A 11 21.36 1.01 11.19
CA TYR A 11 20.74 1.66 10.04
C TYR A 11 19.29 2.01 10.31
N ARG A 12 18.79 2.98 9.56
CA ARG A 12 17.40 3.43 9.68
C ARG A 12 16.87 3.69 8.30
N ILE A 13 15.74 3.08 7.98
CA ILE A 13 15.02 3.37 6.74
C ILE A 13 14.08 4.55 7.01
N ARG A 14 14.40 5.70 6.44
CA ARG A 14 13.71 6.94 6.81
C ARG A 14 12.36 7.11 6.13
N ASN A 15 12.24 6.55 4.92
CA ASN A 15 11.01 6.56 4.15
C ASN A 15 11.03 5.43 3.13
N TYR A 16 9.94 5.25 2.40
CA TYR A 16 9.73 4.06 1.58
C TYR A 16 9.20 4.42 0.19
N THR A 17 9.71 3.74 -0.83
CA THR A 17 9.03 3.79 -2.12
C THR A 17 7.68 3.07 -2.01
N PRO A 18 6.60 3.69 -2.54
CA PRO A 18 5.30 3.01 -2.49
C PRO A 18 5.14 1.89 -3.51
N GLN A 19 6.15 1.68 -4.36
CA GLN A 19 6.06 0.72 -5.46
C GLN A 19 6.26 -0.74 -5.03
N LEU A 20 6.74 -0.94 -3.81
CA LEU A 20 6.92 -2.25 -3.20
C LEU A 20 6.22 -2.24 -1.85
N SER A 21 5.81 -3.40 -1.36
CA SER A 21 5.30 -3.46 0.01
C SER A 21 6.39 -3.01 0.97
N GLU A 22 6.01 -2.47 2.12
CA GLU A 22 6.98 -2.10 3.14
C GLU A 22 7.86 -3.29 3.52
N ALA A 23 7.25 -4.47 3.63
CA ALA A 23 7.99 -5.70 3.92
C ALA A 23 9.06 -5.99 2.87
N GLU A 24 8.73 -5.81 1.58
CA GLU A 24 9.71 -6.04 0.52
C GLU A 24 10.84 -5.01 0.48
N VAL A 25 10.54 -3.76 0.83
CA VAL A 25 11.60 -2.76 0.96
C VAL A 25 12.54 -3.15 2.12
N GLU A 26 11.97 -3.52 3.26
CA GLU A 26 12.74 -3.92 4.43
C GLU A 26 13.59 -5.15 4.12
N ARG A 27 13.05 -6.13 3.37
CA ARG A 27 13.79 -7.35 3.06
C ARG A 27 14.91 -7.07 2.06
N ALA A 28 14.68 -6.21 1.07
CA ALA A 28 15.72 -5.83 0.12
C ALA A 28 16.94 -5.24 0.84
N ILE A 29 16.65 -4.32 1.76
CA ILE A 29 17.69 -3.64 2.52
C ILE A 29 18.42 -4.61 3.47
N LYS A 30 17.67 -5.41 4.21
CA LYS A 30 18.24 -6.40 5.12
C LYS A 30 19.14 -7.38 4.36
N ASP A 31 18.64 -7.91 3.24
CA ASP A 31 19.40 -8.87 2.45
C ASP A 31 20.65 -8.26 1.81
N ALA A 32 20.56 -6.99 1.40
CA ALA A 32 21.72 -6.27 0.85
C ALA A 32 22.83 -6.13 1.89
N PHE A 33 22.46 -5.78 3.13
CA PHE A 33 23.44 -5.71 4.22
C PHE A 33 24.04 -7.09 4.50
N GLU A 34 23.20 -8.12 4.48
CA GLU A 34 23.67 -9.46 4.81
C GLU A 34 24.76 -9.96 3.84
N LEU A 35 24.69 -9.52 2.59
CA LEU A 35 25.72 -9.88 1.59
C LEU A 35 27.10 -9.49 2.08
N TRP A 36 27.19 -8.29 2.65
CA TRP A 36 28.45 -7.77 3.17
C TRP A 36 28.79 -8.36 4.53
N SER A 37 27.77 -8.60 5.35
CA SER A 37 27.98 -9.18 6.68
C SER A 37 28.63 -10.56 6.61
N VAL A 38 28.25 -11.36 5.62
CA VAL A 38 28.76 -12.72 5.56
C VAL A 38 30.18 -12.80 5.02
N ALA A 39 30.72 -11.66 4.58
CA ALA A 39 32.12 -11.58 4.12
C ALA A 39 33.01 -10.67 4.96
N SER A 40 32.53 -10.29 6.14
CA SER A 40 33.19 -9.31 7.00
C SER A 40 32.79 -9.51 8.46
N PRO A 41 33.42 -8.76 9.40
CA PRO A 41 33.02 -8.83 10.81
C PRO A 41 31.85 -7.91 11.15
N LEU A 42 31.28 -7.25 10.15
CA LEU A 42 30.25 -6.25 10.42
C LEU A 42 28.90 -6.89 10.76
N ILE A 43 28.21 -6.30 11.74
CA ILE A 43 26.89 -6.74 12.17
C ILE A 43 25.96 -5.52 12.03
N PHE A 44 24.88 -5.68 11.28
CA PHE A 44 23.97 -4.56 11.01
C PHE A 44 22.70 -4.67 11.83
N THR A 45 22.37 -3.57 12.50
CA THR A 45 21.26 -3.52 13.44
C THR A 45 20.31 -2.41 13.03
N ARG A 46 19.05 -2.77 12.82
CA ARG A 46 18.03 -1.82 12.39
C ARG A 46 17.42 -1.10 13.60
N ILE A 47 17.25 0.22 13.47
CA ILE A 47 16.48 1.01 14.45
C ILE A 47 15.31 1.70 13.73
N SER A 48 14.25 2.01 14.47
CA SER A 48 13.03 2.51 13.85
C SER A 48 12.96 4.03 13.80
N GLN A 49 13.67 4.68 14.71
CA GLN A 49 13.72 6.15 14.83
C GLN A 49 15.08 6.58 15.37
N GLY A 50 15.34 7.88 15.37
CA GLY A 50 16.57 8.38 15.98
C GLY A 50 17.77 8.34 15.05
N GLU A 51 18.97 8.44 15.62
CA GLU A 51 20.18 8.57 14.80
C GLU A 51 20.94 7.25 14.65
N ALA A 52 20.97 6.79 13.40
CA ALA A 52 21.64 5.55 13.02
C ALA A 52 22.92 5.90 12.31
N ASP A 53 23.85 4.95 12.23
CA ASP A 53 25.08 5.17 11.46
C ASP A 53 24.77 5.35 9.98
N ILE A 54 23.90 4.48 9.46
CA ILE A 54 23.56 4.52 8.03
C ILE A 54 22.09 4.90 7.83
N ASN A 55 21.85 6.12 7.36
CA ASN A 55 20.50 6.53 6.94
C ASN A 55 20.23 6.06 5.53
N ILE A 56 19.01 5.57 5.30
CA ILE A 56 18.55 5.12 3.99
C ILE A 56 17.27 5.87 3.67
N ALA A 57 17.23 6.50 2.50
CA ALA A 57 16.05 7.25 2.10
C ALA A 57 15.87 7.31 0.59
N PHE A 58 14.63 7.51 0.18
CA PHE A 58 14.24 7.76 -1.21
C PHE A 58 13.97 9.26 -1.37
N TYR A 59 14.75 9.91 -2.25
CA TYR A 59 14.67 11.35 -2.48
C TYR A 59 14.66 11.63 -3.96
N GLN A 60 14.19 12.81 -4.34
CA GLN A 60 14.18 13.21 -5.74
C GLN A 60 14.94 14.52 -5.96
N ARG A 61 15.56 14.63 -7.13
CA ARG A 61 16.22 15.85 -7.60
C ARG A 61 17.12 16.44 -6.49
N ASP A 62 17.01 17.75 -6.21
CA ASP A 62 17.80 18.37 -5.14
C ASP A 62 17.28 17.90 -3.77
N HIS A 63 18.17 17.33 -2.95
CA HIS A 63 17.74 16.75 -1.68
C HIS A 63 18.70 17.01 -0.52
N GLY A 64 19.41 18.15 -0.60
CA GLY A 64 20.15 18.70 0.52
C GLY A 64 21.61 18.33 0.66
N ASP A 65 22.16 17.59 -0.29
CA ASP A 65 23.54 17.13 -0.17
C ASP A 65 24.47 17.54 -1.32
N ASN A 66 23.98 18.39 -2.20
CA ASN A 66 24.78 18.90 -3.32
C ASN A 66 25.13 17.86 -4.41
N SER A 67 24.51 16.68 -4.33
CA SER A 67 24.55 15.72 -5.41
C SER A 67 23.11 15.42 -5.84
N PRO A 68 22.48 16.30 -6.63
CA PRO A 68 21.07 16.11 -6.99
C PRO A 68 20.86 14.86 -7.83
N PHE A 69 19.71 14.22 -7.66
CA PHE A 69 19.31 13.17 -8.59
C PHE A 69 18.79 13.78 -9.88
N ASP A 70 18.55 12.92 -10.86
CA ASP A 70 18.40 13.33 -12.25
C ASP A 70 17.11 12.86 -12.91
N GLY A 71 16.13 12.44 -12.11
CA GLY A 71 14.88 11.89 -12.66
C GLY A 71 15.05 10.46 -13.16
N PRO A 72 14.08 9.94 -13.92
CA PRO A 72 14.13 8.54 -14.34
C PRO A 72 15.44 8.15 -15.03
N ASN A 73 15.97 6.98 -14.65
CA ASN A 73 17.17 6.40 -15.23
C ASN A 73 18.41 7.22 -14.87
N GLY A 74 19.51 7.06 -15.61
CA GLY A 74 20.77 7.72 -15.23
C GLY A 74 21.20 7.27 -13.84
N ILE A 75 21.49 8.21 -12.96
CA ILE A 75 21.91 7.87 -11.60
C ILE A 75 20.73 7.28 -10.84
N LEU A 76 20.91 6.08 -10.27
CA LEU A 76 19.81 5.39 -9.60
C LEU A 76 19.82 5.63 -8.10
N ALA A 77 21.01 5.87 -7.55
CA ALA A 77 21.23 5.94 -6.11
C ALA A 77 22.67 6.34 -5.92
N HIS A 78 23.01 6.74 -4.70
CA HIS A 78 24.40 7.02 -4.36
C HIS A 78 24.59 6.85 -2.86
N ALA A 79 25.85 6.78 -2.43
CA ALA A 79 26.16 6.58 -1.02
C ALA A 79 27.48 7.23 -0.62
N PHE A 80 27.59 7.52 0.66
CA PHE A 80 28.75 8.23 1.21
C PHE A 80 29.67 7.28 1.97
N GLN A 81 30.98 7.52 1.84
CA GLN A 81 32.01 6.76 2.54
C GLN A 81 31.86 6.81 4.06
N PRO A 82 32.40 5.81 4.78
CA PRO A 82 32.34 5.79 6.24
C PRO A 82 32.79 7.11 6.86
N GLY A 83 32.05 7.53 7.88
CA GLY A 83 32.34 8.76 8.59
C GLY A 83 31.13 9.22 9.37
N GLN A 84 31.29 10.30 10.14
CA GLN A 84 30.18 10.84 10.91
C GLN A 84 29.18 11.57 10.01
N GLY A 85 27.99 11.81 10.55
CA GLY A 85 26.96 12.57 9.85
C GLY A 85 26.47 11.88 8.61
N ILE A 86 26.62 12.55 7.47
CA ILE A 86 26.20 12.01 6.18
C ILE A 86 27.02 10.76 5.80
N GLY A 87 28.17 10.58 6.44
CA GLY A 87 29.00 9.41 6.18
C GLY A 87 28.20 8.12 6.29
N GLY A 88 28.42 7.21 5.34
CA GLY A 88 27.72 5.95 5.32
C GLY A 88 26.33 5.97 4.71
N ASP A 89 25.71 7.15 4.61
CA ASP A 89 24.29 7.21 4.22
C ASP A 89 24.08 6.83 2.77
N ALA A 90 22.92 6.25 2.47
CA ALA A 90 22.56 5.79 1.14
C ALA A 90 21.25 6.41 0.69
N HIS A 91 21.26 7.04 -0.48
CA HIS A 91 20.07 7.71 -1.03
C HIS A 91 19.69 7.05 -2.34
N PHE A 92 18.38 6.87 -2.54
CA PHE A 92 17.84 6.20 -3.72
C PHE A 92 16.94 7.17 -4.45
N ASP A 93 17.07 7.21 -5.79
CA ASP A 93 16.28 8.16 -6.58
C ASP A 93 14.82 7.74 -6.60
N ALA A 94 13.99 8.53 -5.93
CA ALA A 94 12.55 8.23 -5.79
C ALA A 94 11.81 8.15 -7.12
N GLU A 95 12.39 8.77 -8.14
CA GLU A 95 11.76 8.80 -9.46
C GLU A 95 12.00 7.54 -10.30
N GLU A 96 12.79 6.60 -9.79
CA GLU A 96 12.97 5.34 -10.50
C GLU A 96 11.78 4.44 -10.28
N THR A 97 11.63 3.46 -11.18
CA THR A 97 10.82 2.30 -10.91
C THR A 97 11.68 1.35 -10.05
N TRP A 98 11.15 0.95 -8.90
CA TRP A 98 11.85 0.06 -7.96
C TRP A 98 11.12 -1.27 -7.88
N THR A 99 11.85 -2.37 -8.10
CA THR A 99 11.24 -3.69 -8.23
C THR A 99 11.89 -4.75 -7.33
N ASN A 100 11.22 -5.89 -7.26
CA ASN A 100 11.78 -7.13 -6.70
C ASN A 100 11.84 -8.22 -7.77
N THR A 101 12.00 -7.79 -9.03
CA THR A 101 12.06 -8.69 -10.17
C THR A 101 13.26 -8.33 -11.05
N SER A 102 13.32 -8.93 -12.23
CA SER A 102 14.33 -8.57 -13.22
C SER A 102 14.04 -7.23 -13.92
N ALA A 103 12.86 -6.65 -13.70
CA ALA A 103 12.53 -5.38 -14.33
C ALA A 103 13.35 -4.25 -13.70
N ASN A 104 13.76 -3.28 -14.51
CA ASN A 104 14.49 -2.11 -13.98
C ASN A 104 13.63 -1.36 -12.92
N TYR A 105 14.16 -1.07 -11.72
CA TYR A 105 15.47 -1.48 -11.22
C TYR A 105 15.28 -2.25 -9.92
N ASN A 106 16.04 -3.33 -9.77
CA ASN A 106 15.91 -4.18 -8.60
C ASN A 106 16.50 -3.51 -7.36
N LEU A 107 15.65 -3.27 -6.38
CA LEU A 107 16.06 -2.50 -5.19
C LEU A 107 17.17 -3.21 -4.40
N PHE A 108 17.02 -4.52 -4.21
CA PHE A 108 18.04 -5.32 -3.51
C PHE A 108 19.44 -5.15 -4.12
N LEU A 109 19.54 -5.28 -5.44
CA LEU A 109 20.84 -5.19 -6.11
C LEU A 109 21.43 -3.79 -6.05
N VAL A 110 20.58 -2.78 -6.27
CA VAL A 110 21.06 -1.39 -6.14
C VAL A 110 21.54 -1.10 -4.71
N ALA A 111 20.74 -1.48 -3.71
CA ALA A 111 21.13 -1.27 -2.31
C ALA A 111 22.46 -1.96 -1.99
N ALA A 112 22.62 -3.19 -2.48
CA ALA A 112 23.86 -3.95 -2.24
C ALA A 112 25.07 -3.17 -2.74
N HIS A 113 24.99 -2.61 -3.94
CA HIS A 113 26.05 -1.78 -4.52
C HIS A 113 26.31 -0.55 -3.64
N GLU A 114 25.25 0.19 -3.32
CA GLU A 114 25.42 1.39 -2.51
C GLU A 114 26.05 1.09 -1.16
N PHE A 115 25.65 -0.02 -0.53
CA PHE A 115 26.21 -0.33 0.78
C PHE A 115 27.71 -0.66 0.71
N GLY A 116 28.18 -1.12 -0.45
CA GLY A 116 29.63 -1.25 -0.67
C GLY A 116 30.32 0.08 -0.42
N HIS A 117 29.77 1.15 -0.99
CA HIS A 117 30.32 2.49 -0.74
C HIS A 117 30.20 2.87 0.75
N SER A 118 29.05 2.57 1.36
CA SER A 118 28.80 2.88 2.77
C SER A 118 29.86 2.27 3.68
N LEU A 119 30.49 1.18 3.22
CA LEU A 119 31.47 0.43 4.02
C LEU A 119 32.92 0.73 3.62
N GLY A 120 33.10 1.51 2.56
CA GLY A 120 34.44 1.99 2.19
C GLY A 120 34.98 1.55 0.85
N LEU A 121 34.17 0.85 0.06
CA LEU A 121 34.63 0.42 -1.27
C LEU A 121 34.39 1.49 -2.34
N ALA A 122 35.30 1.52 -3.31
CA ALA A 122 35.13 2.32 -4.52
C ALA A 122 34.60 1.43 -5.64
N HIS A 123 34.42 2.00 -6.83
CA HIS A 123 34.00 1.19 -7.97
C HIS A 123 35.09 0.24 -8.41
N SER A 124 34.65 -0.90 -8.95
CA SER A 124 35.52 -1.90 -9.53
C SER A 124 35.54 -1.80 -11.05
N SER A 125 36.66 -2.23 -11.64
CA SER A 125 36.78 -2.29 -13.09
C SER A 125 36.35 -3.65 -13.66
N ASP A 126 36.08 -4.60 -12.77
CA ASP A 126 35.64 -5.94 -13.17
C ASP A 126 34.14 -5.86 -13.53
N PRO A 127 33.79 -6.12 -14.81
CA PRO A 127 32.38 -6.01 -15.21
C PRO A 127 31.43 -6.99 -14.49
N GLY A 128 32.00 -8.01 -13.85
CA GLY A 128 31.22 -9.00 -13.10
C GLY A 128 31.02 -8.64 -11.64
N ALA A 129 31.68 -7.57 -11.19
CA ALA A 129 31.62 -7.16 -9.78
C ALA A 129 30.36 -6.37 -9.47
N LEU A 130 29.83 -6.58 -8.27
CA LEU A 130 28.74 -5.76 -7.76
C LEU A 130 29.11 -4.27 -7.78
N MET A 131 30.36 -3.96 -7.47
CA MET A 131 30.83 -2.58 -7.42
C MET A 131 31.19 -1.95 -8.78
N TYR A 132 30.94 -2.66 -9.89
CA TYR A 132 31.07 -2.06 -11.22
C TYR A 132 30.15 -0.82 -11.30
N PRO A 133 30.57 0.24 -11.98
CA PRO A 133 29.80 1.48 -11.99
C PRO A 133 28.38 1.42 -12.56
N ASN A 134 28.13 0.49 -13.48
CA ASN A 134 26.86 0.39 -14.20
C ASN A 134 26.02 -0.80 -13.76
N TYR A 135 24.72 -0.58 -13.62
CA TYR A 135 23.77 -1.62 -13.21
C TYR A 135 23.60 -2.70 -14.26
N ALA A 136 23.58 -3.95 -13.80
CA ALA A 136 23.14 -5.10 -14.62
C ALA A 136 22.38 -6.05 -13.71
N PHE A 137 21.18 -6.44 -14.13
CA PHE A 137 20.43 -7.41 -13.35
C PHE A 137 21.14 -8.76 -13.33
N ARG A 138 21.15 -9.39 -12.15
CA ARG A 138 21.63 -10.76 -11.96
C ARG A 138 20.59 -11.48 -11.13
N GLU A 139 20.41 -12.78 -11.38
CA GLU A 139 19.41 -13.54 -10.64
C GLU A 139 19.60 -13.39 -9.13
N THR A 140 18.52 -13.05 -8.44
CA THR A 140 18.61 -12.64 -7.04
C THR A 140 18.41 -13.77 -6.03
N SER A 141 17.76 -14.85 -6.44
CA SER A 141 17.33 -15.93 -5.52
C SER A 141 18.39 -16.41 -4.52
N ASN A 142 19.54 -16.82 -5.03
CA ASN A 142 20.62 -17.23 -4.14
C ASN A 142 21.86 -16.40 -4.42
N TYR A 143 21.63 -15.11 -4.64
CA TYR A 143 22.70 -14.19 -4.96
C TYR A 143 23.72 -14.12 -3.83
N SER A 144 24.99 -14.19 -4.18
CA SER A 144 26.06 -13.95 -3.23
C SER A 144 27.08 -13.01 -3.86
N LEU A 145 27.88 -12.36 -3.02
CA LEU A 145 28.86 -11.40 -3.51
C LEU A 145 29.79 -12.03 -4.51
N PRO A 146 29.96 -11.40 -5.69
CA PRO A 146 31.03 -11.83 -6.57
C PRO A 146 32.38 -11.78 -5.88
N GLN A 147 33.30 -12.61 -6.36
CA GLN A 147 34.58 -12.76 -5.68
C GLN A 147 35.40 -11.47 -5.61
N ASP A 148 35.28 -10.62 -6.65
CA ASP A 148 35.96 -9.33 -6.65
C ASP A 148 35.55 -8.46 -5.45
N ASP A 149 34.26 -8.49 -5.12
CA ASP A 149 33.74 -7.71 -4.02
C ASP A 149 34.13 -8.30 -2.66
N ILE A 150 34.18 -9.62 -2.59
CA ILE A 150 34.73 -10.30 -1.39
C ILE A 150 36.18 -9.85 -1.14
N ASP A 151 36.99 -9.86 -2.20
CA ASP A 151 38.38 -9.39 -2.12
C ASP A 151 38.43 -7.98 -1.56
N GLY A 152 37.54 -7.12 -2.05
CA GLY A 152 37.52 -5.71 -1.65
C GLY A 152 37.19 -5.51 -0.18
N ILE A 153 36.12 -6.15 0.30
CA ILE A 153 35.73 -5.95 1.69
C ILE A 153 36.70 -6.63 2.66
N GLN A 154 37.26 -7.76 2.24
CA GLN A 154 38.28 -8.45 3.01
C GLN A 154 39.56 -7.61 3.14
N ALA A 155 39.88 -6.85 2.10
CA ALA A 155 41.08 -6.00 2.13
C ALA A 155 40.92 -4.87 3.16
N ILE A 156 39.70 -4.37 3.32
CA ILE A 156 39.43 -3.26 4.24
C ILE A 156 39.35 -3.72 5.69
N TYR A 157 38.59 -4.79 5.93
CA TYR A 157 38.13 -5.16 7.29
C TYR A 157 38.83 -6.36 7.93
N GLY A 158 40.11 -6.52 7.61
CA GLY A 158 40.95 -7.48 8.32
C GLY A 158 42.03 -6.77 9.12
N ILE B 1 24.90 3.97 -8.15
CA ILE B 1 24.99 3.15 -9.38
C ILE B 1 24.19 3.84 -10.49
N ALA B 2 24.51 3.52 -11.74
CA ALA B 2 23.82 4.13 -12.88
C ALA B 2 23.14 3.09 -13.76
N GLY B 3 21.96 3.41 -14.28
CA GLY B 3 21.22 2.51 -15.15
C GLY B 3 21.78 2.44 -16.56
N PRO C 2 -7.34 4.88 5.80
CA PRO C 2 -8.38 5.05 6.82
C PRO C 2 -8.99 3.71 7.25
N LYS C 3 -9.18 3.52 8.56
CA LYS C 3 -9.80 2.28 9.06
C LYS C 3 -10.39 2.44 10.46
N TRP C 4 -11.42 1.65 10.76
CA TRP C 4 -12.08 1.69 12.06
C TRP C 4 -11.20 1.05 13.13
N GLU C 5 -11.19 1.65 14.31
CA GLU C 5 -10.39 1.11 15.42
C GLU C 5 -11.21 0.32 16.45
N ARG C 6 -12.48 0.11 16.14
CA ARG C 6 -13.36 -0.76 16.93
C ARG C 6 -13.90 -1.85 16.00
N THR C 7 -14.13 -3.04 16.53
CA THR C 7 -14.67 -4.14 15.72
C THR C 7 -16.19 -4.18 15.63
N ASN C 8 -16.88 -3.73 16.68
CA ASN C 8 -18.34 -3.70 16.72
C ASN C 8 -18.80 -2.30 16.33
N LEU C 9 -19.34 -2.20 15.11
CA LEU C 9 -19.80 -0.93 14.55
C LEU C 9 -21.31 -0.92 14.47
N THR C 10 -21.90 0.25 14.72
CA THR C 10 -23.35 0.41 14.62
C THR C 10 -23.75 1.06 13.30
N TYR C 11 -24.97 0.77 12.88
CA TYR C 11 -25.53 1.41 11.69
C TYR C 11 -26.99 1.79 11.93
N ARG C 12 -27.43 2.82 11.21
CA ARG C 12 -28.79 3.31 11.34
C ARG C 12 -29.33 3.57 9.94
N ILE C 13 -30.49 3.00 9.63
CA ILE C 13 -31.21 3.32 8.40
C ILE C 13 -32.12 4.51 8.67
N ARG C 14 -31.77 5.65 8.09
CA ARG C 14 -32.42 6.92 8.44
C ARG C 14 -33.77 7.15 7.77
N ASN C 15 -33.90 6.62 6.55
CA ASN C 15 -35.11 6.78 5.77
C ASN C 15 -35.17 5.65 4.74
N TYR C 16 -36.21 5.66 3.92
CA TYR C 16 -36.52 4.50 3.09
C TYR C 16 -36.76 4.90 1.64
N THR C 17 -37.02 3.90 0.81
CA THR C 17 -37.37 4.12 -0.58
C THR C 17 -38.73 3.46 -0.80
N PRO C 18 -39.67 4.17 -1.46
CA PRO C 18 -41.01 3.59 -1.56
C PRO C 18 -41.18 2.40 -2.53
N GLN C 19 -40.12 2.02 -3.24
CA GLN C 19 -40.17 0.91 -4.21
C GLN C 19 -39.95 -0.46 -3.54
N LEU C 20 -39.56 -0.43 -2.27
CA LEU C 20 -39.42 -1.64 -1.45
C LEU C 20 -40.12 -1.38 -0.13
N SER C 21 -40.48 -2.44 0.57
CA SER C 21 -40.98 -2.28 1.93
C SER C 21 -39.83 -1.89 2.87
N GLU C 22 -40.16 -1.36 4.04
CA GLU C 22 -39.13 -1.06 5.03
C GLU C 22 -38.38 -2.34 5.37
N ALA C 23 -39.10 -3.44 5.54
CA ALA C 23 -38.48 -4.71 5.89
C ALA C 23 -37.48 -5.19 4.84
N GLU C 24 -37.81 -5.03 3.57
CA GLU C 24 -36.89 -5.44 2.51
C GLU C 24 -35.66 -4.54 2.44
N VAL C 25 -35.81 -3.24 2.72
CA VAL C 25 -34.64 -2.38 2.81
C VAL C 25 -33.74 -2.88 3.95
N GLU C 26 -34.35 -3.15 5.10
CA GLU C 26 -33.59 -3.57 6.28
C GLU C 26 -32.83 -4.89 6.02
N ARG C 27 -33.50 -5.82 5.34
CA ARG C 27 -32.90 -7.13 5.03
C ARG C 27 -31.74 -7.02 4.04
N ALA C 28 -31.91 -6.20 3.00
CA ALA C 28 -30.83 -5.94 2.03
C ALA C 28 -29.58 -5.38 2.71
N ILE C 29 -29.79 -4.40 3.60
CA ILE C 29 -28.70 -3.76 4.32
C ILE C 29 -28.02 -4.75 5.26
N LYS C 30 -28.82 -5.52 6.01
CA LYS C 30 -28.27 -6.53 6.94
C LYS C 30 -27.42 -7.55 6.19
N ASP C 31 -27.94 -8.05 5.08
CA ASP C 31 -27.24 -9.06 4.28
C ASP C 31 -25.96 -8.49 3.66
N ALA C 32 -26.01 -7.22 3.24
CA ALA C 32 -24.82 -6.57 2.67
C ALA C 32 -23.69 -6.46 3.70
N PHE C 33 -24.03 -6.07 4.94
CA PHE C 33 -23.04 -6.02 6.02
C PHE C 33 -22.49 -7.42 6.30
N GLU C 34 -23.37 -8.41 6.29
CA GLU C 34 -22.95 -9.79 6.59
C GLU C 34 -21.88 -10.30 5.63
N LEU C 35 -21.92 -9.87 4.36
CA LEU C 35 -20.90 -10.26 3.39
C LEU C 35 -19.51 -9.90 3.87
N TRP C 36 -19.38 -8.72 4.46
CA TRP C 36 -18.09 -8.23 4.95
C TRP C 36 -17.75 -8.82 6.31
N SER C 37 -18.77 -9.04 7.14
CA SER C 37 -18.58 -9.59 8.47
C SER C 37 -17.97 -11.00 8.42
N VAL C 38 -18.37 -11.81 7.45
CA VAL C 38 -17.91 -13.20 7.40
C VAL C 38 -16.48 -13.32 6.86
N ALA C 39 -15.90 -12.21 6.41
CA ALA C 39 -14.51 -12.16 5.93
C ALA C 39 -13.57 -11.29 6.77
N SER C 40 -14.04 -10.89 7.96
CA SER C 40 -13.32 -9.94 8.80
C SER C 40 -13.72 -10.14 10.27
N PRO C 41 -13.08 -9.42 11.20
CA PRO C 41 -13.51 -9.47 12.58
C PRO C 41 -14.66 -8.51 12.91
N LEU C 42 -15.20 -7.83 11.89
CA LEU C 42 -16.19 -6.79 12.13
C LEU C 42 -17.55 -7.38 12.49
N ILE C 43 -18.24 -6.74 13.43
CA ILE C 43 -19.58 -7.15 13.88
C ILE C 43 -20.46 -5.92 13.75
N PHE C 44 -21.57 -6.04 13.01
CA PHE C 44 -22.45 -4.91 12.74
C PHE C 44 -23.73 -5.02 13.55
N THR C 45 -24.10 -3.90 14.18
CA THR C 45 -25.25 -3.85 15.08
C THR C 45 -26.14 -2.69 14.66
N ARG C 46 -27.41 -3.00 14.41
CA ARG C 46 -28.38 -1.98 14.02
C ARG C 46 -28.96 -1.25 15.22
N ILE C 47 -29.06 0.07 15.12
CA ILE C 47 -29.81 0.87 16.10
C ILE C 47 -30.96 1.56 15.37
N SER C 48 -32.06 1.79 16.07
CA SER C 48 -33.27 2.33 15.44
C SER C 48 -33.32 3.86 15.40
N GLN C 49 -32.61 4.50 16.32
CA GLN C 49 -32.56 5.98 16.44
C GLN C 49 -31.18 6.33 16.99
N GLY C 50 -30.86 7.63 17.05
CA GLY C 50 -29.60 8.08 17.66
C GLY C 50 -28.42 8.12 16.71
N GLU C 51 -27.21 8.23 17.28
CA GLU C 51 -26.00 8.35 16.47
C GLU C 51 -25.26 7.04 16.31
N ALA C 52 -25.21 6.57 15.06
CA ALA C 52 -24.55 5.32 14.71
C ALA C 52 -23.23 5.65 14.01
N ASP C 53 -22.36 4.65 13.88
CA ASP C 53 -21.13 4.83 13.12
C ASP C 53 -21.43 5.04 11.63
N ILE C 54 -22.30 4.19 11.09
CA ILE C 54 -22.65 4.24 9.68
C ILE C 54 -24.11 4.64 9.49
N ASN C 55 -24.33 5.85 9.00
CA ASN C 55 -25.66 6.30 8.59
C ASN C 55 -25.95 5.83 7.17
N ILE C 56 -27.16 5.33 6.96
CA ILE C 56 -27.63 4.93 5.65
C ILE C 56 -28.88 5.74 5.30
N ALA C 57 -28.89 6.36 4.12
CA ALA C 57 -30.05 7.15 3.72
C ALA C 57 -30.20 7.21 2.22
N PHE C 58 -31.43 7.47 1.79
CA PHE C 58 -31.77 7.71 0.39
C PHE C 58 -31.98 9.22 0.22
N TYR C 59 -31.22 9.83 -0.69
CA TYR C 59 -31.28 11.27 -0.93
C TYR C 59 -31.32 11.58 -2.41
N GLN C 60 -31.86 12.74 -2.77
CA GLN C 60 -31.90 13.15 -4.17
C GLN C 60 -31.08 14.42 -4.39
N ARG C 61 -30.47 14.49 -5.57
CA ARG C 61 -29.71 15.68 -6.02
C ARG C 61 -28.84 16.25 -4.89
N ASP C 62 -28.92 17.56 -4.63
CA ASP C 62 -28.14 18.18 -3.54
C ASP C 62 -28.65 17.71 -2.20
N HIS C 63 -27.75 17.16 -1.37
CA HIS C 63 -28.17 16.64 -0.06
C HIS C 63 -27.16 16.92 1.06
N GLY C 64 -26.44 18.03 0.93
CA GLY C 64 -25.66 18.59 2.03
C GLY C 64 -24.21 18.14 2.20
N ASP C 65 -23.70 17.34 1.26
CA ASP C 65 -22.31 16.88 1.37
C ASP C 65 -21.40 17.21 0.20
N ASN C 66 -21.87 18.10 -0.69
CA ASN C 66 -21.08 18.58 -1.84
C ASN C 66 -20.80 17.52 -2.93
N SER C 67 -21.46 16.36 -2.81
CA SER C 67 -21.46 15.36 -3.88
C SER C 67 -22.90 15.08 -4.30
N PRO C 68 -23.49 15.96 -5.13
CA PRO C 68 -24.90 15.81 -5.45
C PRO C 68 -25.16 14.56 -6.28
N PHE C 69 -26.34 13.96 -6.10
CA PHE C 69 -26.76 12.89 -6.99
C PHE C 69 -27.32 13.50 -8.29
N ASP C 70 -27.60 12.65 -9.26
CA ASP C 70 -27.76 13.08 -10.65
C ASP C 70 -29.07 12.62 -11.31
N GLY C 71 -30.04 12.18 -10.51
CA GLY C 71 -31.30 11.68 -11.05
C GLY C 71 -31.19 10.25 -11.55
N PRO C 72 -32.21 9.75 -12.27
CA PRO C 72 -32.21 8.35 -12.68
C PRO C 72 -30.95 7.89 -13.41
N ASN C 73 -30.49 6.69 -13.05
CA ASN C 73 -29.30 6.06 -13.64
C ASN C 73 -28.02 6.88 -13.34
N GLY C 74 -26.95 6.68 -14.09
CA GLY C 74 -25.67 7.33 -13.77
C GLY C 74 -25.18 6.90 -12.39
N ILE C 75 -24.84 7.87 -11.53
CA ILE C 75 -24.39 7.56 -10.16
C ILE C 75 -25.53 6.97 -9.35
N LEU C 76 -25.30 5.82 -8.72
CA LEU C 76 -26.36 5.14 -7.97
C LEU C 76 -26.29 5.40 -6.47
N ALA C 77 -25.07 5.61 -5.96
CA ALA C 77 -24.83 5.69 -4.52
C ALA C 77 -23.39 6.09 -4.30
N HIS C 78 -23.06 6.51 -3.08
CA HIS C 78 -21.67 6.74 -2.70
C HIS C 78 -21.51 6.56 -1.21
N ALA C 79 -20.26 6.43 -0.77
CA ALA C 79 -19.96 6.27 0.65
C ALA C 79 -18.65 6.91 1.06
N PHE C 80 -18.54 7.18 2.35
CA PHE C 80 -17.38 7.87 2.92
C PHE C 80 -16.47 6.90 3.65
N GLN C 81 -15.16 7.15 3.55
CA GLN C 81 -14.16 6.33 4.23
C GLN C 81 -14.32 6.40 5.76
N PRO C 82 -13.79 5.40 6.49
CA PRO C 82 -13.88 5.40 7.97
C PRO C 82 -13.41 6.70 8.59
N GLY C 83 -14.16 7.16 9.60
CA GLY C 83 -13.82 8.39 10.28
C GLY C 83 -15.02 8.85 11.08
N GLN C 84 -14.84 9.94 11.82
CA GLN C 84 -15.92 10.50 12.62
C GLN C 84 -16.92 11.25 11.73
N GLY C 85 -18.11 11.51 12.28
CA GLY C 85 -19.13 12.26 11.57
C GLY C 85 -19.63 11.57 10.32
N ILE C 86 -19.48 12.25 9.18
CA ILE C 86 -19.89 11.71 7.88
C ILE C 86 -19.09 10.45 7.51
N GLY C 87 -17.93 10.26 8.14
CA GLY C 87 -17.11 9.09 7.87
C GLY C 87 -17.93 7.81 7.99
N GLY C 88 -17.75 6.90 7.03
CA GLY C 88 -18.45 5.63 7.04
C GLY C 88 -19.85 5.67 6.44
N ASP C 89 -20.45 6.86 6.33
CA ASP C 89 -21.85 6.96 5.89
C ASP C 89 -22.05 6.57 4.42
N ALA C 90 -23.21 5.99 4.13
CA ALA C 90 -23.56 5.53 2.79
C ALA C 90 -24.86 6.19 2.35
N HIS C 91 -24.83 6.82 1.18
CA HIS C 91 -25.99 7.52 0.58
C HIS C 91 -26.37 6.85 -0.74
N PHE C 92 -27.68 6.71 -0.95
CA PHE C 92 -28.22 6.03 -2.12
C PHE C 92 -29.11 7.02 -2.86
N ASP C 93 -29.00 7.04 -4.20
CA ASP C 93 -29.77 8.01 -4.99
C ASP C 93 -31.25 7.63 -4.94
N ALA C 94 -32.04 8.49 -4.31
CA ALA C 94 -33.47 8.24 -4.12
C ALA C 94 -34.27 8.18 -5.44
N GLU C 95 -33.66 8.69 -6.50
CA GLU C 95 -34.34 8.69 -7.80
C GLU C 95 -34.14 7.40 -8.60
N GLU C 96 -33.42 6.43 -8.03
CA GLU C 96 -33.31 5.11 -8.68
C GLU C 96 -34.50 4.25 -8.33
N THR C 97 -34.80 3.28 -9.19
CA THR C 97 -35.62 2.16 -8.77
C THR C 97 -34.69 1.16 -8.08
N TRP C 98 -35.00 0.87 -6.83
CA TRP C 98 -34.27 -0.07 -5.99
C TRP C 98 -35.05 -1.36 -5.90
N THR C 99 -34.36 -2.49 -6.05
CA THR C 99 -35.03 -3.80 -6.13
C THR C 99 -34.38 -4.86 -5.24
N ASN C 100 -35.08 -5.98 -5.12
CA ASN C 100 -34.52 -7.21 -4.54
C ASN C 100 -34.52 -8.36 -5.54
N THR C 101 -34.39 -8.00 -6.82
CA THR C 101 -34.41 -8.95 -7.94
C THR C 101 -33.26 -8.65 -8.90
N SER C 102 -33.28 -9.28 -10.07
CA SER C 102 -32.29 -9.01 -11.11
C SER C 102 -32.51 -7.68 -11.82
N ALA C 103 -33.67 -7.05 -11.60
CA ALA C 103 -33.96 -5.77 -12.23
C ALA C 103 -33.08 -4.65 -11.64
N ASN C 104 -32.60 -3.74 -12.48
CA ASN C 104 -31.82 -2.58 -12.00
C ASN C 104 -32.65 -1.75 -11.00
N TYR C 105 -32.12 -1.39 -9.82
CA TYR C 105 -30.81 -1.80 -9.30
C TYR C 105 -31.00 -2.55 -7.99
N ASN C 106 -30.30 -3.67 -7.85
CA ASN C 106 -30.42 -4.49 -6.67
C ASN C 106 -29.78 -3.79 -5.47
N LEU C 107 -30.59 -3.46 -4.48
CA LEU C 107 -30.13 -2.67 -3.32
C LEU C 107 -29.07 -3.42 -2.51
N PHE C 108 -29.27 -4.72 -2.34
CA PHE C 108 -28.30 -5.55 -1.61
C PHE C 108 -26.89 -5.44 -2.22
N LEU C 109 -26.79 -5.59 -3.53
CA LEU C 109 -25.49 -5.52 -4.20
C LEU C 109 -24.87 -4.13 -4.15
N VAL C 110 -25.67 -3.10 -4.37
CA VAL C 110 -25.16 -1.72 -4.33
C VAL C 110 -24.71 -1.38 -2.90
N ALA C 111 -25.52 -1.70 -1.91
CA ALA C 111 -25.14 -1.45 -0.52
C ALA C 111 -23.85 -2.19 -0.16
N ALA C 112 -23.72 -3.44 -0.60
CA ALA C 112 -22.50 -4.21 -0.34
C ALA C 112 -21.25 -3.48 -0.85
N HIS C 113 -21.35 -2.96 -2.08
CA HIS C 113 -20.26 -2.18 -2.69
C HIS C 113 -19.99 -0.94 -1.85
N GLU C 114 -21.03 -0.19 -1.53
CA GLU C 114 -20.82 1.03 -0.74
C GLU C 114 -20.17 0.76 0.60
N PHE C 115 -20.60 -0.31 1.27
CA PHE C 115 -20.06 -0.61 2.59
C PHE C 115 -18.58 -0.97 2.52
N GLY C 116 -18.11 -1.47 1.37
CA GLY C 116 -16.68 -1.66 1.16
C GLY C 116 -15.95 -0.33 1.38
N HIS C 117 -16.46 0.75 0.77
CA HIS C 117 -15.90 2.08 1.03
C HIS C 117 -16.03 2.49 2.51
N SER C 118 -17.20 2.23 3.10
CA SER C 118 -17.44 2.54 4.52
C SER C 118 -16.39 1.92 5.43
N LEU C 119 -15.81 0.81 4.98
CA LEU C 119 -14.83 0.05 5.77
C LEU C 119 -13.37 0.34 5.40
N GLY C 120 -13.17 1.09 4.32
CA GLY C 120 -11.81 1.51 3.95
C GLY C 120 -11.27 1.06 2.60
N LEU C 121 -12.11 0.40 1.80
CA LEU C 121 -11.68 -0.05 0.48
C LEU C 121 -11.89 1.01 -0.58
N ALA C 122 -11.00 1.00 -1.58
CA ALA C 122 -11.15 1.78 -2.80
C ALA C 122 -11.73 0.89 -3.90
N HIS C 123 -11.92 1.46 -5.09
CA HIS C 123 -12.35 0.66 -6.23
C HIS C 123 -11.29 -0.32 -6.68
N SER C 124 -11.76 -1.44 -7.22
CA SER C 124 -10.91 -2.46 -7.79
C SER C 124 -10.90 -2.35 -9.31
N SER C 125 -9.79 -2.77 -9.91
CA SER C 125 -9.71 -2.83 -11.37
C SER C 125 -10.14 -4.20 -11.91
N ASP C 126 -10.39 -5.14 -11.01
CA ASP C 126 -10.86 -6.48 -11.39
C ASP C 126 -12.36 -6.41 -11.71
N PRO C 127 -12.73 -6.66 -12.98
CA PRO C 127 -14.13 -6.55 -13.38
C PRO C 127 -15.09 -7.53 -12.69
N GLY C 128 -14.54 -8.53 -12.02
CA GLY C 128 -15.35 -9.49 -11.26
C GLY C 128 -15.51 -9.13 -9.80
N ALA C 129 -14.81 -8.07 -9.36
CA ALA C 129 -14.86 -7.68 -7.95
C ALA C 129 -16.12 -6.88 -7.64
N LEU C 130 -16.62 -7.04 -6.42
CA LEU C 130 -17.70 -6.20 -5.92
C LEU C 130 -17.32 -4.72 -5.97
N MET C 131 -16.07 -4.42 -5.65
CA MET C 131 -15.57 -3.05 -5.64
C MET C 131 -15.19 -2.45 -7.00
N TYR C 132 -15.47 -3.15 -8.09
CA TYR C 132 -15.37 -2.56 -9.43
C TYR C 132 -16.29 -1.31 -9.53
N PRO C 133 -15.83 -0.24 -10.22
CA PRO C 133 -16.60 1.00 -10.24
C PRO C 133 -18.01 0.96 -10.84
N ASN C 134 -18.27 0.03 -11.75
CA ASN C 134 -19.55 -0.04 -12.46
C ASN C 134 -20.38 -1.24 -12.02
N TYR C 135 -21.69 -1.01 -11.88
CA TYR C 135 -22.64 -2.03 -11.45
C TYR C 135 -22.81 -3.16 -12.47
N ALA C 136 -22.83 -4.39 -11.97
CA ALA C 136 -23.22 -5.55 -12.76
C ALA C 136 -24.01 -6.49 -11.86
N PHE C 137 -25.19 -6.90 -12.32
CA PHE C 137 -25.95 -7.85 -11.53
C PHE C 137 -25.27 -9.21 -11.43
N ARG C 138 -25.35 -9.79 -10.24
CA ARG C 138 -24.90 -11.16 -9.97
C ARG C 138 -26.00 -11.85 -9.19
N GLU C 139 -26.22 -13.14 -9.45
CA GLU C 139 -27.25 -13.89 -8.73
C GLU C 139 -27.02 -13.78 -7.23
N THR C 140 -28.09 -13.43 -6.50
CA THR C 140 -27.97 -13.03 -5.09
C THR C 140 -28.18 -14.12 -4.05
N SER C 141 -28.89 -15.20 -4.41
CA SER C 141 -29.25 -16.24 -3.43
C SER C 141 -28.05 -16.87 -2.71
N ASN C 142 -27.01 -17.19 -3.47
CA ASN C 142 -25.80 -17.77 -2.90
C ASN C 142 -24.59 -16.87 -3.05
N TYR C 143 -24.83 -15.58 -3.22
CA TYR C 143 -23.76 -14.61 -3.41
C TYR C 143 -22.86 -14.51 -2.19
N SER C 144 -21.57 -14.56 -2.42
CA SER C 144 -20.57 -14.30 -1.40
C SER C 144 -19.48 -13.42 -1.99
N LEU C 145 -18.69 -12.78 -1.14
CA LEU C 145 -17.66 -11.86 -1.61
C LEU C 145 -16.75 -12.52 -2.62
N PRO C 146 -16.55 -11.88 -3.78
CA PRO C 146 -15.48 -12.30 -4.68
C PRO C 146 -14.13 -12.29 -3.97
N GLN C 147 -13.20 -13.13 -4.43
CA GLN C 147 -11.93 -13.28 -3.74
C GLN C 147 -11.13 -11.97 -3.68
N ASP C 148 -11.22 -11.13 -4.72
CA ASP C 148 -10.52 -9.86 -4.72
C ASP C 148 -10.91 -8.97 -3.53
N ASP C 149 -12.21 -8.99 -3.20
CA ASP C 149 -12.73 -8.18 -2.11
C ASP C 149 -12.38 -8.76 -0.73
N ILE C 150 -12.36 -10.09 -0.63
CA ILE C 150 -11.84 -10.75 0.57
C ILE C 150 -10.39 -10.35 0.81
N ASP C 151 -9.57 -10.35 -0.25
CA ASP C 151 -8.18 -9.92 -0.15
C ASP C 151 -8.09 -8.50 0.39
N GLY C 152 -8.94 -7.62 -0.15
CA GLY C 152 -8.97 -6.23 0.25
C GLY C 152 -9.31 -6.02 1.72
N ILE C 153 -10.38 -6.67 2.19
CA ILE C 153 -10.79 -6.47 3.58
C ILE C 153 -9.82 -7.14 4.55
N GLN C 154 -9.26 -8.28 4.13
CA GLN C 154 -8.23 -8.95 4.92
C GLN C 154 -6.95 -8.12 5.05
N ALA C 155 -6.60 -7.38 4.01
CA ALA C 155 -5.43 -6.52 4.05
C ALA C 155 -5.58 -5.38 5.07
N ILE C 156 -6.81 -4.91 5.28
CA ILE C 156 -7.07 -3.83 6.23
C ILE C 156 -7.20 -4.31 7.68
N TYR C 157 -8.04 -5.33 7.91
CA TYR C 157 -8.49 -5.72 9.25
C TYR C 157 -7.92 -7.04 9.75
N GLY C 158 -7.13 -7.68 8.91
CA GLY C 158 -6.30 -8.78 9.34
C GLY C 158 -5.01 -8.27 9.97
N ILE D 1 -21.27 3.65 -6.49
CA ILE D 1 -21.27 2.81 -7.73
C ILE D 1 -22.04 3.54 -8.83
N ALA D 2 -21.78 3.18 -10.09
CA ALA D 2 -22.51 3.75 -11.22
C ALA D 2 -23.18 2.67 -12.05
N GLY D 3 -24.30 3.02 -12.68
CA GLY D 3 -25.05 2.08 -13.52
C GLY D 3 -24.86 2.29 -15.02
CA CA E . 25.66 8.47 8.67
CA CA F . 17.82 8.82 -11.80
ZN ZN G . 21.98 12.21 -1.84
ZN ZN H . 28.61 3.30 -7.09
CA CA I . -20.49 8.17 10.36
CA CA J . -28.47 8.54 -10.29
ZN ZN K . -24.02 12.00 -0.24
ZN ZN L . -17.69 2.82 -5.34
#